data_7M0M
#
_entry.id   7M0M
#
_cell.length_a   51.168
_cell.length_b   56.994
_cell.length_c   63.459
_cell.angle_alpha   86.730
_cell.angle_beta   86.630
_cell.angle_gamma   67.060
#
_symmetry.space_group_name_H-M   'P 1'
#
loop_
_entity.id
_entity.type
_entity.pdbx_description
1 polymer 'Mitogen-activated protein kinase kinase kinase kinase 1'
2 non-polymer 4-[2-fluoro-6-(trifluoromethyl)anilino]-2-[(6-methoxy-2-methyl-1,2,3,4-tetrahydroisoquinolin-7-yl)amino]pyrimidine-5-carboxamide
3 water water
#
_entity_poly.entity_id   1
_entity_poly.type   'polypeptide(L)'
_entity_poly.pdbx_seq_one_letter_code
;DVVDPDIFNRDPRDHYDLLQRLGGGTYGEVFKARDKVSGDLVALKMVKMEPDDDVSTLQKEILILKTCRHANIVAYHGSY
LWLQKLWICMEFCGAGSLQDIYQVTGSLSELQISYVCREVLQGLAYLHSQKKIHRDIKGANILINDAGEVRLADFGISAQ
IGAELARRLEFIGTPYWMAPEVAAVALKGGYNELCDIWSLGITAIELAELQPPLFDVHPLRVLFLMTKSGYQPPRLKEKG
KWSAAFHNFIKVTLTKSPKKRPSATKMLSHQLVSQPGLNRGLILDLLDKLKNP
;
_entity_poly.pdbx_strand_id   A,B
#
loop_
_chem_comp.id
_chem_comp.type
_chem_comp.name
_chem_comp.formula
YK1 non-polymer 4-[2-fluoro-6-(trifluoromethyl)anilino]-2-[(6-methoxy-2-methyl-1,2,3,4-tetrahydroisoquinolin-7-yl)amino]pyrimidine-5-carboxamide 'C23 H22 F4 N6 O2'
#
# COMPACT_ATOMS: atom_id res chain seq x y z
N ASP A 1 -21.15 1.61 -3.73
CA ASP A 1 -22.19 2.06 -2.74
C ASP A 1 -23.11 0.96 -2.16
N VAL A 2 -23.40 -0.09 -2.95
CA VAL A 2 -24.20 -1.24 -2.50
C VAL A 2 -23.34 -2.09 -1.58
N VAL A 3 -23.85 -2.35 -0.39
CA VAL A 3 -23.13 -3.11 0.66
C VAL A 3 -22.95 -4.57 0.26
N ASP A 4 -24.06 -5.15 -0.20
CA ASP A 4 -24.12 -6.55 -0.52
C ASP A 4 -25.37 -6.72 -1.44
N PRO A 5 -25.20 -7.22 -2.70
CA PRO A 5 -26.38 -7.50 -3.55
C PRO A 5 -27.42 -8.48 -2.94
N ASP A 6 -26.99 -9.38 -2.07
CA ASP A 6 -27.87 -10.36 -1.39
C ASP A 6 -28.33 -9.97 0.02
N ILE A 7 -28.19 -8.69 0.38
CA ILE A 7 -28.55 -8.21 1.72
C ILE A 7 -30.03 -8.44 2.01
N PHE A 8 -30.31 -8.87 3.23
CA PHE A 8 -31.67 -8.98 3.73
C PHE A 8 -32.03 -7.65 4.38
N ASN A 9 -33.07 -7.02 3.88
CA ASN A 9 -33.57 -5.76 4.38
C ASN A 9 -34.62 -6.09 5.44
N ARG A 10 -34.16 -6.64 6.57
CA ARG A 10 -35.06 -7.05 7.65
C ARG A 10 -34.36 -7.18 8.97
N ASP A 11 -35.14 -7.17 10.06
CA ASP A 11 -34.60 -7.22 11.42
C ASP A 11 -34.16 -8.65 11.63
N PRO A 12 -32.85 -8.89 11.92
CA PRO A 12 -32.42 -10.26 12.21
C PRO A 12 -33.05 -10.84 13.48
N ARG A 13 -33.47 -9.98 14.41
CA ARG A 13 -34.23 -10.43 15.58
C ARG A 13 -35.60 -11.06 15.28
N ASP A 14 -36.16 -10.83 14.09
CA ASP A 14 -37.33 -11.63 13.61
C ASP A 14 -37.01 -13.11 13.40
N HIS A 15 -35.75 -13.38 13.04
CA HIS A 15 -35.27 -14.72 12.67
C HIS A 15 -34.39 -15.39 13.72
N TYR A 16 -33.72 -14.60 14.56
CA TYR A 16 -32.75 -15.09 15.55
C TYR A 16 -33.01 -14.56 16.95
N ASP A 17 -32.79 -15.40 17.96
CA ASP A 17 -32.75 -14.99 19.36
C ASP A 17 -31.28 -14.70 19.67
N LEU A 18 -30.99 -13.47 20.08
CA LEU A 18 -29.63 -13.10 20.55
C LEU A 18 -29.40 -13.74 21.90
N LEU A 19 -28.31 -14.49 22.04
CA LEU A 19 -28.03 -15.24 23.26
C LEU A 19 -27.03 -14.59 24.20
N GLN A 20 -25.84 -14.26 23.69
CA GLN A 20 -24.81 -13.60 24.50
C GLN A 20 -23.72 -12.98 23.65
N ARG A 21 -23.07 -11.94 24.20
CA ARG A 21 -22.01 -11.24 23.50
C ARG A 21 -20.77 -12.09 23.62
N LEU A 22 -20.18 -12.43 22.48
CA LEU A 22 -18.92 -13.20 22.41
C LEU A 22 -17.68 -12.35 22.49
N GLY A 23 -17.79 -11.06 22.18
CA GLY A 23 -16.66 -10.12 22.16
C GLY A 23 -16.58 -9.48 20.80
N GLY A 24 -15.41 -8.92 20.47
CA GLY A 24 -15.14 -8.31 19.17
C GLY A 24 -13.80 -8.67 18.56
N GLY A 25 -13.77 -8.78 17.24
CA GLY A 25 -12.54 -9.00 16.49
C GLY A 25 -11.86 -7.68 16.14
N THR A 26 -11.31 -7.59 14.93
CA THR A 26 -10.67 -6.37 14.38
C THR A 26 -11.62 -5.17 14.48
N TYR A 27 -12.87 -5.37 14.07
CA TYR A 27 -13.94 -4.37 14.25
C TYR A 27 -15.28 -5.06 14.47
N GLY A 28 -16.25 -4.27 14.92
CA GLY A 28 -17.60 -4.78 15.20
C GLY A 28 -17.65 -5.60 16.48
N GLU A 29 -18.81 -6.21 16.71
CA GLU A 29 -19.00 -7.10 17.87
C GLU A 29 -19.84 -8.27 17.45
N VAL A 30 -19.69 -9.39 18.15
CA VAL A 30 -20.29 -10.64 17.73
C VAL A 30 -21.12 -11.21 18.87
N PHE A 31 -22.29 -11.72 18.49
CA PHE A 31 -23.22 -12.38 19.39
C PHE A 31 -23.40 -13.82 19.01
N LYS A 32 -23.51 -14.69 20.01
CA LYS A 32 -24.10 -16.00 19.84
C LYS A 32 -25.59 -15.78 19.62
N ALA A 33 -26.16 -16.46 18.63
CA ALA A 33 -27.59 -16.43 18.38
C ALA A 33 -28.15 -17.78 17.94
N ARG A 34 -29.45 -17.96 18.15
N ARG A 34 -29.45 -17.97 18.15
CA ARG A 34 -30.16 -19.20 17.82
CA ARG A 34 -30.15 -19.22 17.82
C ARG A 34 -31.25 -18.93 16.80
C ARG A 34 -31.25 -18.94 16.81
N ASP A 35 -31.21 -19.66 15.69
CA ASP A 35 -32.26 -19.61 14.63
C ASP A 35 -33.60 -20.02 15.24
N LYS A 36 -34.58 -19.13 15.17
CA LYS A 36 -35.92 -19.40 15.75
C LYS A 36 -36.73 -20.55 15.11
N VAL A 37 -36.38 -20.94 13.87
CA VAL A 37 -37.11 -21.95 13.11
C VAL A 37 -36.38 -23.29 13.25
N SER A 38 -35.13 -23.33 12.80
CA SER A 38 -34.32 -24.55 12.81
C SER A 38 -33.73 -24.95 14.18
N GLY A 39 -33.56 -23.97 15.08
CA GLY A 39 -32.84 -24.18 16.34
C GLY A 39 -31.32 -24.11 16.24
N ASP A 40 -30.76 -23.92 15.03
CA ASP A 40 -29.32 -23.93 14.81
C ASP A 40 -28.69 -22.67 15.40
N LEU A 41 -27.51 -22.85 16.00
CA LEU A 41 -26.73 -21.74 16.54
C LEU A 41 -25.93 -21.05 15.42
N VAL A 42 -25.80 -19.73 15.54
CA VAL A 42 -25.02 -18.92 14.60
C VAL A 42 -24.24 -17.84 15.35
N ALA A 43 -23.28 -17.24 14.65
CA ALA A 43 -22.63 -16.02 15.10
C ALA A 43 -23.22 -14.87 14.30
N LEU A 44 -23.64 -13.80 15.00
CA LEU A 44 -24.11 -12.55 14.36
C LEU A 44 -23.17 -11.43 14.70
N LYS A 45 -22.44 -10.94 13.69
CA LYS A 45 -21.51 -9.83 13.85
C LYS A 45 -22.22 -8.54 13.54
N MET A 46 -22.25 -7.61 14.50
CA MET A 46 -22.94 -6.34 14.33
C MET A 46 -21.90 -5.25 14.13
N VAL A 47 -22.15 -4.42 13.12
CA VAL A 47 -21.32 -3.25 12.80
C VAL A 47 -22.26 -2.08 12.47
N LYS A 48 -22.03 -0.92 13.11
CA LYS A 48 -22.81 0.29 12.82
C LYS A 48 -22.49 0.75 11.39
N MET A 49 -23.55 1.08 10.66
CA MET A 49 -23.46 1.46 9.25
C MET A 49 -24.44 2.61 8.97
N GLU A 50 -23.97 3.82 9.23
CA GLU A 50 -24.73 5.06 8.97
C GLU A 50 -24.84 5.28 7.44
N PRO A 51 -25.89 5.98 6.95
CA PRO A 51 -26.06 6.25 5.51
C PRO A 51 -24.87 6.83 4.70
N ASP A 52 -24.12 7.77 5.27
CA ASP A 52 -22.91 8.33 4.62
C ASP A 52 -21.61 7.82 5.26
N ASP A 53 -21.49 6.50 5.35
CA ASP A 53 -20.26 5.77 5.73
C ASP A 53 -19.62 5.14 4.50
N ASP A 54 -18.27 5.06 4.44
CA ASP A 54 -17.59 4.19 3.46
C ASP A 54 -17.95 2.72 3.79
N VAL A 55 -18.54 2.07 2.80
CA VAL A 55 -19.04 0.69 2.86
C VAL A 55 -17.95 -0.36 2.48
N SER A 56 -16.85 0.08 1.88
CA SER A 56 -15.98 -0.81 1.09
C SER A 56 -15.32 -1.97 1.87
N THR A 57 -14.94 -1.72 3.11
CA THR A 57 -14.38 -2.77 3.98
C THR A 57 -15.40 -3.86 4.30
N LEU A 58 -16.59 -3.45 4.75
CA LEU A 58 -17.68 -4.43 5.01
C LEU A 58 -18.14 -5.16 3.75
N GLN A 59 -18.20 -4.43 2.64
CA GLN A 59 -18.46 -5.01 1.31
C GLN A 59 -17.48 -6.15 1.00
N LYS A 60 -16.21 -5.86 1.21
CA LYS A 60 -15.15 -6.81 0.93
C LYS A 60 -15.16 -8.02 1.88
N GLU A 61 -15.46 -7.78 3.16
CA GLU A 61 -15.55 -8.88 4.14
C GLU A 61 -16.67 -9.85 3.79
N ILE A 62 -17.86 -9.32 3.47
CA ILE A 62 -18.98 -10.14 3.03
C ILE A 62 -18.59 -10.93 1.79
N LEU A 63 -17.98 -10.24 0.82
CA LEU A 63 -17.54 -10.86 -0.42
C LEU A 63 -16.57 -12.03 -0.20
N ILE A 64 -15.60 -11.85 0.71
CA ILE A 64 -14.66 -12.90 1.12
C ILE A 64 -15.39 -14.09 1.73
N LEU A 65 -16.23 -13.84 2.73
CA LEU A 65 -16.97 -14.90 3.43
C LEU A 65 -17.96 -15.64 2.51
N LYS A 66 -18.62 -14.90 1.63
CA LYS A 66 -19.64 -15.43 0.74
C LYS A 66 -19.06 -16.35 -0.33
N THR A 67 -17.92 -15.97 -0.91
CA THR A 67 -17.26 -16.72 -1.98
C THR A 67 -16.28 -17.82 -1.52
N CYS A 68 -16.06 -17.97 -0.21
CA CYS A 68 -15.37 -19.15 0.33
C CYS A 68 -16.40 -20.24 0.61
N ARG A 69 -16.15 -21.41 0.03
CA ARG A 69 -16.89 -22.63 0.37
C ARG A 69 -15.88 -23.72 0.65
N HIS A 70 -15.40 -23.72 1.89
CA HIS A 70 -14.35 -24.64 2.31
C HIS A 70 -14.49 -24.86 3.80
N ALA A 71 -14.33 -26.12 4.24
CA ALA A 71 -14.66 -26.53 5.59
C ALA A 71 -13.87 -25.79 6.65
N ASN A 72 -12.59 -25.55 6.40
CA ASN A 72 -11.73 -24.78 7.30
C ASN A 72 -11.85 -23.22 7.33
N ILE A 73 -12.83 -22.66 6.64
CA ILE A 73 -13.19 -21.25 6.73
C ILE A 73 -14.62 -21.14 7.21
N VAL A 74 -14.83 -20.32 8.24
CA VAL A 74 -16.17 -20.09 8.84
C VAL A 74 -17.23 -19.89 7.77
N ALA A 75 -18.30 -20.65 7.87
CA ALA A 75 -19.38 -20.59 6.89
C ALA A 75 -20.15 -19.28 7.00
N TYR A 76 -20.76 -18.89 5.88
CA TYR A 76 -21.48 -17.63 5.75
C TYR A 76 -22.94 -17.95 5.47
N HIS A 77 -23.85 -17.30 6.21
CA HIS A 77 -25.31 -17.50 6.06
C HIS A 77 -26.09 -16.31 5.53
N GLY A 78 -25.46 -15.15 5.36
CA GLY A 78 -26.12 -13.96 4.82
C GLY A 78 -25.93 -12.76 5.72
N SER A 79 -26.43 -11.61 5.28
N SER A 79 -26.43 -11.62 5.29
CA SER A 79 -26.32 -10.37 6.06
CA SER A 79 -26.32 -10.38 6.06
C SER A 79 -27.62 -9.57 6.05
C SER A 79 -27.62 -9.58 6.06
N TYR A 80 -27.79 -8.80 7.12
CA TYR A 80 -29.01 -8.02 7.38
C TYR A 80 -28.59 -6.59 7.52
N LEU A 81 -29.38 -5.70 6.94
CA LEU A 81 -29.28 -4.28 7.18
C LEU A 81 -30.59 -3.87 7.85
N TRP A 82 -30.48 -3.29 9.04
CA TRP A 82 -31.65 -2.85 9.79
C TRP A 82 -31.29 -1.77 10.81
N LEU A 83 -31.99 -0.63 10.71
CA LEU A 83 -31.81 0.54 11.60
C LEU A 83 -30.34 0.95 11.77
N GLN A 84 -29.69 1.13 10.62
CA GLN A 84 -28.31 1.59 10.53
C GLN A 84 -27.28 0.63 11.17
N LYS A 85 -27.59 -0.67 11.21
CA LYS A 85 -26.67 -1.70 11.72
C LYS A 85 -26.61 -2.81 10.70
N LEU A 86 -25.39 -3.16 10.28
CA LEU A 86 -25.13 -4.31 9.44
C LEU A 86 -24.87 -5.50 10.36
N TRP A 87 -25.55 -6.62 10.09
CA TRP A 87 -25.38 -7.85 10.85
C TRP A 87 -24.91 -8.91 9.88
N ILE A 88 -23.75 -9.52 10.14
CA ILE A 88 -23.17 -10.56 9.28
C ILE A 88 -23.41 -11.87 10.01
N CYS A 89 -24.14 -12.78 9.36
CA CYS A 89 -24.49 -14.07 9.96
C CYS A 89 -23.55 -15.18 9.48
N MET A 90 -22.86 -15.79 10.44
CA MET A 90 -21.84 -16.80 10.16
C MET A 90 -22.07 -18.04 11.03
N GLU A 91 -21.30 -19.07 10.70
CA GLU A 91 -21.12 -20.26 11.51
C GLU A 91 -20.70 -19.88 12.93
N PHE A 92 -21.25 -20.57 13.91
CA PHE A 92 -20.89 -20.41 15.34
C PHE A 92 -19.89 -21.50 15.70
N CYS A 93 -18.86 -21.12 16.46
CA CYS A 93 -17.78 -22.04 16.86
C CYS A 93 -17.73 -22.06 18.38
N GLY A 94 -18.33 -23.10 18.97
CA GLY A 94 -18.67 -23.15 20.39
C GLY A 94 -17.56 -23.18 21.42
N ALA A 95 -16.34 -23.47 21.05
CA ALA A 95 -15.21 -23.43 21.99
C ALA A 95 -14.37 -22.14 21.88
N GLY A 96 -14.76 -21.21 21.01
CA GLY A 96 -14.01 -19.97 20.79
C GLY A 96 -12.71 -20.16 20.02
N SER A 97 -11.77 -19.25 20.27
CA SER A 97 -10.48 -19.26 19.59
C SER A 97 -9.53 -20.19 20.33
N LEU A 98 -8.49 -20.63 19.65
CA LEU A 98 -7.41 -21.36 20.34
C LEU A 98 -6.77 -20.58 21.48
N GLN A 99 -6.72 -19.25 21.38
CA GLN A 99 -6.24 -18.41 22.47
C GLN A 99 -7.13 -18.52 23.71
N ASP A 100 -8.44 -18.34 23.52
CA ASP A 100 -9.45 -18.59 24.56
C ASP A 100 -9.23 -19.95 25.26
N ILE A 101 -8.94 -20.97 24.47
CA ILE A 101 -8.74 -22.33 24.97
C ILE A 101 -7.40 -22.46 25.75
N TYR A 102 -6.28 -22.08 25.13
CA TYR A 102 -4.96 -22.28 25.79
C TYR A 102 -4.75 -21.46 27.05
N GLN A 103 -5.41 -20.31 27.17
CA GLN A 103 -5.41 -19.54 28.43
C GLN A 103 -6.06 -20.28 29.64
N VAL A 104 -6.89 -21.28 29.37
CA VAL A 104 -7.43 -22.20 30.41
C VAL A 104 -6.63 -23.52 30.49
N THR A 105 -6.40 -24.17 29.34
CA THR A 105 -5.81 -25.52 29.31
C THR A 105 -4.30 -25.55 29.51
N GLY A 106 -3.60 -24.45 29.18
CA GLY A 106 -2.14 -24.48 29.04
C GLY A 106 -1.79 -24.95 27.63
N SER A 107 -0.51 -25.21 27.40
CA SER A 107 0.01 -25.42 26.04
C SER A 107 -0.56 -26.67 25.39
N LEU A 108 -0.73 -26.62 24.08
CA LEU A 108 -1.23 -27.76 23.33
C LEU A 108 -0.15 -28.80 23.20
N SER A 109 -0.56 -30.05 23.03
CA SER A 109 0.36 -31.14 22.73
C SER A 109 0.88 -30.97 21.30
N GLU A 110 2.03 -31.59 20.99
CA GLU A 110 2.56 -31.53 19.63
C GLU A 110 1.56 -32.05 18.60
N LEU A 111 0.89 -33.16 18.90
CA LEU A 111 -0.13 -33.71 17.97
C LEU A 111 -1.30 -32.77 17.75
N GLN A 112 -1.78 -32.17 18.84
CA GLN A 112 -2.84 -31.13 18.76
C GLN A 112 -2.42 -29.96 17.88
N ILE A 113 -1.19 -29.48 18.08
CA ILE A 113 -0.65 -28.38 17.27
C ILE A 113 -0.52 -28.83 15.81
N SER A 114 -0.04 -30.06 15.61
CA SER A 114 0.13 -30.61 14.26
C SER A 114 -1.20 -30.66 13.50
N TYR A 115 -2.25 -31.11 14.17
CA TYR A 115 -3.60 -31.16 13.59
C TYR A 115 -4.10 -29.76 13.23
N VAL A 116 -3.94 -28.81 14.15
CA VAL A 116 -4.34 -27.42 13.89
C VAL A 116 -3.60 -26.88 12.67
N CYS A 117 -2.28 -27.08 12.63
CA CYS A 117 -1.46 -26.62 11.50
C CYS A 117 -1.91 -27.19 10.17
N ARG A 118 -2.25 -28.49 10.16
CA ARG A 118 -2.77 -29.12 8.95
C ARG A 118 -4.05 -28.44 8.46
N GLU A 119 -4.98 -28.25 9.39
CA GLU A 119 -6.31 -27.72 9.09
C GLU A 119 -6.22 -26.24 8.64
N VAL A 120 -5.37 -25.45 9.30
CA VAL A 120 -5.09 -24.08 8.87
C VAL A 120 -4.46 -24.08 7.47
N LEU A 121 -3.48 -24.97 7.23
CA LEU A 121 -2.88 -25.08 5.89
C LEU A 121 -3.87 -25.41 4.80
N GLN A 122 -4.83 -26.26 5.10
CA GLN A 122 -5.89 -26.57 4.15
C GLN A 122 -6.70 -25.30 3.84
N GLY A 123 -7.04 -24.54 4.89
CA GLY A 123 -7.71 -23.25 4.74
C GLY A 123 -6.89 -22.28 3.91
N LEU A 124 -5.60 -22.19 4.21
CA LEU A 124 -4.69 -21.30 3.50
C LEU A 124 -4.49 -21.69 2.06
N ALA A 125 -4.31 -23.00 1.80
CA ALA A 125 -4.17 -23.50 0.43
C ALA A 125 -5.37 -23.07 -0.40
N TYR A 126 -6.56 -23.21 0.16
CA TYR A 126 -7.80 -22.81 -0.50
C TYR A 126 -7.83 -21.30 -0.77
N LEU A 127 -7.61 -20.51 0.28
CA LEU A 127 -7.62 -19.05 0.16
C LEU A 127 -6.62 -18.58 -0.87
N HIS A 128 -5.40 -19.11 -0.81
CA HIS A 128 -4.35 -18.74 -1.75
C HIS A 128 -4.69 -19.16 -3.19
N SER A 129 -5.36 -20.30 -3.37
CA SER A 129 -5.91 -20.70 -4.70
C SER A 129 -6.93 -19.71 -5.27
N GLN A 130 -7.65 -19.00 -4.40
CA GLN A 130 -8.58 -17.93 -4.77
C GLN A 130 -7.96 -16.52 -4.85
N LYS A 131 -6.63 -16.41 -4.76
CA LYS A 131 -5.92 -15.12 -4.74
C LYS A 131 -6.36 -14.24 -3.51
N LYS A 132 -6.66 -14.90 -2.39
CA LYS A 132 -6.99 -14.23 -1.12
C LYS A 132 -5.83 -14.46 -0.16
N ILE A 133 -5.60 -13.49 0.72
CA ILE A 133 -4.56 -13.55 1.76
C ILE A 133 -5.28 -13.23 3.08
N HIS A 134 -5.11 -14.07 4.10
CA HIS A 134 -5.70 -13.82 5.41
C HIS A 134 -5.04 -12.61 6.08
N ARG A 135 -3.71 -12.63 6.15
CA ARG A 135 -2.88 -11.54 6.71
C ARG A 135 -2.91 -11.34 8.24
N ASP A 136 -3.63 -12.18 8.95
CA ASP A 136 -3.83 -12.06 10.40
C ASP A 136 -4.02 -13.42 11.09
N ILE A 137 -3.22 -14.38 10.66
CA ILE A 137 -3.24 -15.71 11.22
C ILE A 137 -2.55 -15.60 12.58
N LYS A 138 -3.28 -16.06 13.60
CA LYS A 138 -2.84 -16.07 15.00
C LYS A 138 -3.86 -16.90 15.75
N GLY A 139 -3.54 -17.29 16.98
CA GLY A 139 -4.44 -18.10 17.83
C GLY A 139 -5.84 -17.54 18.04
N ALA A 140 -5.91 -16.20 18.18
CA ALA A 140 -7.18 -15.50 18.36
C ALA A 140 -8.13 -15.60 17.16
N ASN A 141 -7.58 -15.82 15.96
CA ASN A 141 -8.37 -15.92 14.73
C ASN A 141 -8.59 -17.32 14.19
N ILE A 142 -8.21 -18.33 14.95
CA ILE A 142 -8.44 -19.72 14.59
C ILE A 142 -9.47 -20.23 15.60
N LEU A 143 -10.67 -20.50 15.13
CA LEU A 143 -11.79 -20.92 15.96
C LEU A 143 -11.96 -22.45 16.00
N ILE A 144 -12.49 -22.94 17.12
CA ILE A 144 -12.74 -24.38 17.33
C ILE A 144 -14.24 -24.52 17.63
N ASN A 145 -14.91 -25.42 16.89
CA ASN A 145 -16.30 -25.75 17.18
C ASN A 145 -16.40 -26.95 18.15
N ASP A 146 -17.62 -27.29 18.55
CA ASP A 146 -17.84 -28.39 19.51
C ASP A 146 -17.49 -29.79 18.99
N ALA A 147 -17.37 -29.92 17.68
CA ALA A 147 -16.87 -31.12 17.00
C ALA A 147 -15.33 -31.23 16.87
N GLY A 148 -14.58 -30.29 17.46
CA GLY A 148 -13.12 -30.28 17.33
C GLY A 148 -12.58 -29.87 15.96
N GLU A 149 -13.43 -29.21 15.18
CA GLU A 149 -13.06 -28.75 13.85
C GLU A 149 -12.53 -27.34 13.94
N VAL A 150 -11.67 -27.02 12.98
CA VAL A 150 -10.82 -25.82 12.99
C VAL A 150 -11.28 -24.91 11.86
N ARG A 151 -11.51 -23.63 12.19
CA ARG A 151 -12.07 -22.66 11.26
C ARG A 151 -11.30 -21.34 11.33
N LEU A 152 -10.87 -20.87 10.17
CA LEU A 152 -10.29 -19.54 10.02
C LEU A 152 -11.38 -18.49 10.07
N ALA A 153 -11.14 -17.45 10.86
CA ALA A 153 -12.12 -16.41 11.11
C ALA A 153 -11.50 -15.00 11.09
N ASP A 154 -12.34 -13.99 11.23
CA ASP A 154 -11.96 -12.58 11.24
C ASP A 154 -11.08 -12.20 10.06
N PHE A 155 -11.73 -12.01 8.93
CA PHE A 155 -11.08 -11.54 7.73
C PHE A 155 -11.07 -10.00 7.71
N GLY A 156 -11.04 -9.33 8.88
CA GLY A 156 -11.13 -7.88 8.97
C GLY A 156 -9.93 -7.22 8.34
N ILE A 157 -8.72 -7.70 8.68
CA ILE A 157 -7.49 -7.16 8.09
C ILE A 157 -7.50 -7.43 6.57
N SER A 158 -7.81 -8.67 6.21
CA SER A 158 -7.97 -9.05 4.80
C SER A 158 -8.91 -8.14 4.04
N ALA A 159 -10.07 -7.86 4.64
CA ALA A 159 -11.07 -6.96 4.03
C ALA A 159 -10.56 -5.52 3.89
N GLN A 160 -9.92 -5.00 4.92
CA GLN A 160 -9.33 -3.64 4.89
C GLN A 160 -8.29 -3.45 3.79
N ILE A 161 -7.36 -4.40 3.73
CA ILE A 161 -6.35 -4.43 2.67
C ILE A 161 -6.97 -4.48 1.28
N GLY A 162 -7.95 -5.36 1.10
CA GLY A 162 -8.66 -5.47 -0.19
C GLY A 162 -9.44 -4.24 -0.59
N ALA A 163 -10.03 -3.55 0.38
CA ALA A 163 -10.68 -2.27 0.15
C ALA A 163 -9.67 -1.19 -0.25
N GLU A 164 -8.52 -1.13 0.47
CA GLU A 164 -7.40 -0.21 0.12
C GLU A 164 -6.88 -0.43 -1.29
N LEU A 165 -6.62 -1.68 -1.65
CA LEU A 165 -6.17 -2.05 -3.01
C LEU A 165 -7.15 -1.58 -4.07
N ALA A 166 -8.44 -1.82 -3.86
CA ALA A 166 -9.48 -1.38 -4.79
C ALA A 166 -9.49 0.14 -4.98
N ARG A 167 -9.31 0.88 -3.90
CA ARG A 167 -9.27 2.35 -3.91
C ARG A 167 -8.01 2.87 -4.61
N ARG A 168 -6.86 2.28 -4.28
CA ARG A 168 -5.59 2.56 -4.94
C ARG A 168 -5.65 2.34 -6.46
N LEU A 169 -6.26 1.23 -6.87
CA LEU A 169 -6.46 0.91 -8.30
C LEU A 169 -7.49 1.85 -8.98
N GLU A 170 -8.57 2.20 -8.29
CA GLU A 170 -9.57 3.16 -8.82
C GLU A 170 -8.94 4.53 -9.11
N PHE A 171 -8.17 5.05 -8.14
CA PHE A 171 -7.46 6.35 -8.25
C PHE A 171 -5.99 6.26 -8.71
N ILE A 172 -5.60 5.15 -9.35
CA ILE A 172 -4.32 5.08 -10.06
C ILE A 172 -4.59 5.95 -11.28
N GLY A 173 -3.68 6.88 -11.52
CA GLY A 173 -3.92 7.91 -12.53
C GLY A 173 -3.46 7.37 -13.86
N THR A 174 -2.40 7.96 -14.36
CA THR A 174 -1.81 7.58 -15.63
C THR A 174 -0.45 7.06 -15.18
N PRO A 175 -0.28 5.72 -15.03
CA PRO A 175 0.96 5.14 -14.50
C PRO A 175 2.04 4.78 -15.56
N TYR A 176 2.03 5.45 -16.71
CA TYR A 176 2.98 5.14 -17.83
C TYR A 176 4.47 5.43 -17.51
N TRP A 177 4.70 6.37 -16.59
CA TRP A 177 6.03 6.79 -16.15
C TRP A 177 6.50 6.05 -14.90
N MET A 178 5.70 5.12 -14.36
CA MET A 178 6.01 4.41 -13.12
C MET A 178 7.09 3.34 -13.34
N ALA A 179 8.08 3.29 -12.44
CA ALA A 179 9.11 2.24 -12.48
C ALA A 179 8.48 0.88 -12.10
N PRO A 180 9.02 -0.25 -12.63
CA PRO A 180 8.42 -1.58 -12.36
C PRO A 180 8.27 -1.95 -10.89
N GLU A 181 9.29 -1.65 -10.09
CA GLU A 181 9.22 -1.84 -8.64
C GLU A 181 8.09 -1.05 -7.96
N VAL A 182 7.74 0.13 -8.49
CA VAL A 182 6.60 0.92 -7.98
C VAL A 182 5.29 0.25 -8.42
N ALA A 183 5.21 -0.17 -9.68
CA ALA A 183 4.04 -0.89 -10.24
C ALA A 183 3.76 -2.19 -9.50
N ALA A 184 4.83 -2.94 -9.21
CA ALA A 184 4.80 -4.11 -8.32
C ALA A 184 4.18 -3.83 -6.98
N VAL A 185 4.59 -2.74 -6.33
CA VAL A 185 4.05 -2.34 -5.02
C VAL A 185 2.60 -1.83 -5.14
N ALA A 186 2.24 -1.17 -6.25
CA ALA A 186 0.84 -0.76 -6.49
C ALA A 186 -0.13 -1.96 -6.54
N LEU A 187 0.23 -2.96 -7.35
CA LEU A 187 -0.57 -4.18 -7.52
C LEU A 187 -0.53 -5.12 -6.32
N LYS A 188 0.67 -5.46 -5.83
CA LYS A 188 0.88 -6.53 -4.83
C LYS A 188 1.11 -6.08 -3.40
N GLY A 189 1.43 -4.79 -3.17
CA GLY A 189 1.83 -4.30 -1.84
C GLY A 189 3.23 -4.66 -1.32
N GLY A 190 4.09 -5.24 -2.18
CA GLY A 190 5.46 -5.64 -1.77
C GLY A 190 5.62 -6.89 -0.90
N TYR A 191 4.56 -7.68 -0.82
CA TYR A 191 4.61 -9.04 -0.30
C TYR A 191 3.53 -9.88 -0.97
N ASN A 192 3.53 -11.17 -0.67
CA ASN A 192 2.56 -12.10 -1.25
C ASN A 192 1.95 -13.02 -0.17
N GLU A 193 1.12 -13.95 -0.63
CA GLU A 193 0.46 -14.94 0.24
C GLU A 193 1.30 -15.75 1.21
N LEU A 194 2.59 -15.90 0.91
CA LEU A 194 3.51 -16.59 1.81
C LEU A 194 3.70 -15.94 3.16
N CYS A 195 3.27 -14.67 3.32
CA CYS A 195 3.17 -14.05 4.65
C CYS A 195 2.34 -14.87 5.63
N ASP A 196 1.25 -15.50 5.15
CA ASP A 196 0.41 -16.42 5.97
C ASP A 196 1.12 -17.68 6.49
N ILE A 197 2.11 -18.16 5.75
CA ILE A 197 2.90 -19.33 6.15
C ILE A 197 3.79 -18.95 7.34
N TRP A 198 4.44 -17.79 7.28
CA TRP A 198 5.21 -17.27 8.41
C TRP A 198 4.32 -17.15 9.63
N SER A 199 3.15 -16.52 9.45
CA SER A 199 2.21 -16.32 10.54
C SER A 199 1.77 -17.63 11.20
N LEU A 200 1.55 -18.67 10.41
CA LEU A 200 1.27 -19.99 10.95
C LEU A 200 2.42 -20.57 11.80
N GLY A 201 3.64 -20.41 11.32
CA GLY A 201 4.82 -20.79 12.09
C GLY A 201 4.89 -20.13 13.45
N ILE A 202 4.62 -18.84 13.49
CA ILE A 202 4.56 -18.10 14.75
C ILE A 202 3.43 -18.61 15.62
N THR A 203 2.26 -18.85 15.02
CA THR A 203 1.10 -19.41 15.71
C THR A 203 1.43 -20.76 16.33
N ALA A 204 2.14 -21.61 15.60
CA ALA A 204 2.53 -22.93 16.14
C ALA A 204 3.36 -22.79 17.43
N ILE A 205 4.27 -21.81 17.45
CA ILE A 205 5.02 -21.47 18.67
C ILE A 205 4.07 -20.92 19.77
N GLU A 206 3.14 -20.05 19.39
CA GLU A 206 2.12 -19.51 20.32
C GLU A 206 1.32 -20.63 21.05
N LEU A 207 0.89 -21.61 20.27
CA LEU A 207 0.15 -22.77 20.80
C LEU A 207 1.02 -23.64 21.72
N ALA A 208 2.30 -23.75 21.35
CA ALA A 208 3.29 -24.47 22.16
C ALA A 208 3.69 -23.79 23.47
N GLU A 209 3.78 -22.46 23.45
CA GLU A 209 4.38 -21.70 24.55
C GLU A 209 3.47 -20.67 25.22
N LEU A 210 2.24 -20.48 24.72
CA LEU A 210 1.25 -19.51 25.24
C LEU A 210 1.47 -18.02 24.90
N GLN A 211 2.57 -17.76 24.18
CA GLN A 211 2.88 -16.43 23.67
C GLN A 211 3.62 -16.61 22.36
N PRO A 212 3.47 -15.64 21.42
CA PRO A 212 4.39 -15.63 20.28
C PRO A 212 5.80 -15.26 20.71
N PRO A 213 6.85 -15.58 19.90
CA PRO A 213 8.20 -15.17 20.26
C PRO A 213 8.34 -13.65 20.40
N LEU A 214 9.16 -13.23 21.35
CA LEU A 214 9.39 -11.81 21.63
C LEU A 214 8.13 -11.00 22.08
N PHE A 215 7.11 -11.67 22.63
N PHE A 215 7.11 -11.69 22.64
CA PHE A 215 5.89 -10.99 23.14
CA PHE A 215 5.89 -11.07 23.19
C PHE A 215 6.18 -10.01 24.26
C PHE A 215 6.18 -10.03 24.26
N ASP A 216 7.23 -10.26 25.06
CA ASP A 216 7.68 -9.37 26.13
C ASP A 216 8.52 -8.17 25.66
N VAL A 217 8.91 -8.12 24.38
CA VAL A 217 9.70 -7.05 23.77
C VAL A 217 8.72 -6.04 23.16
N HIS A 218 9.00 -4.76 23.35
CA HIS A 218 8.16 -3.65 22.85
C HIS A 218 7.96 -3.75 21.32
N PRO A 219 6.72 -3.54 20.83
CA PRO A 219 6.45 -3.92 19.44
C PRO A 219 7.23 -3.13 18.36
N LEU A 220 7.41 -1.82 18.59
N LEU A 220 7.41 -1.82 18.59
CA LEU A 220 8.34 -0.99 17.80
CA LEU A 220 8.34 -0.99 17.80
C LEU A 220 9.78 -1.52 17.78
C LEU A 220 9.78 -1.52 17.78
N ARG A 221 10.26 -2.01 18.93
CA ARG A 221 11.60 -2.67 19.02
C ARG A 221 11.65 -4.00 18.23
N VAL A 222 10.55 -4.77 18.26
CA VAL A 222 10.45 -5.98 17.44
C VAL A 222 10.53 -5.65 15.94
N LEU A 223 9.81 -4.60 15.51
CA LEU A 223 9.82 -4.16 14.11
C LEU A 223 11.22 -3.73 13.68
N PHE A 224 11.92 -3.02 14.56
CA PHE A 224 13.32 -2.65 14.38
C PHE A 224 14.24 -3.86 14.17
N LEU A 225 14.10 -4.89 15.01
CA LEU A 225 14.86 -6.13 14.90
C LEU A 225 14.58 -6.90 13.59
N MET A 226 13.31 -6.97 13.19
CA MET A 226 12.90 -7.75 11.98
C MET A 226 13.45 -7.23 10.67
N THR A 227 13.48 -5.91 10.55
CA THR A 227 13.92 -5.22 9.32
C THR A 227 15.44 -5.11 9.18
N LYS A 228 16.17 -5.33 10.28
CA LYS A 228 17.64 -5.52 10.22
C LYS A 228 18.02 -6.73 9.35
N SER A 229 19.10 -6.56 8.57
CA SER A 229 19.83 -7.68 7.99
C SER A 229 20.42 -8.52 9.14
N GLY A 230 20.43 -9.83 8.96
CA GLY A 230 20.81 -10.76 10.01
C GLY A 230 19.84 -10.83 11.18
N TYR A 231 18.55 -10.56 10.91
CA TYR A 231 17.47 -10.96 11.80
C TYR A 231 17.45 -12.49 11.78
N GLN A 232 17.50 -13.10 12.98
N GLN A 232 17.50 -13.11 12.97
CA GLN A 232 17.36 -14.56 13.14
CA GLN A 232 17.38 -14.57 13.10
C GLN A 232 15.87 -14.86 13.35
C GLN A 232 15.90 -14.89 13.36
N PRO A 233 15.26 -15.70 12.47
CA PRO A 233 13.89 -16.16 12.74
C PRO A 233 13.77 -16.90 14.07
N PRO A 234 12.63 -16.71 14.78
CA PRO A 234 12.50 -17.31 16.10
C PRO A 234 12.38 -18.84 16.07
N ARG A 235 12.58 -19.41 17.24
CA ARG A 235 12.63 -20.85 17.48
C ARG A 235 11.86 -21.19 18.73
N LEU A 236 11.46 -22.46 18.82
CA LEU A 236 10.89 -23.03 20.06
C LEU A 236 11.92 -22.97 21.18
N LYS A 237 11.46 -22.62 22.38
CA LYS A 237 12.32 -22.38 23.56
C LYS A 237 12.96 -23.65 24.10
N GLU A 238 12.13 -24.65 24.40
CA GLU A 238 12.61 -25.95 24.92
C GLU A 238 12.88 -26.89 23.76
N LYS A 239 14.14 -27.16 23.45
CA LYS A 239 14.48 -28.11 22.36
C LYS A 239 13.95 -29.54 22.61
N GLY A 240 14.17 -30.06 23.82
CA GLY A 240 13.85 -31.44 24.19
C GLY A 240 12.38 -31.82 24.30
N LYS A 241 11.49 -30.82 24.39
CA LYS A 241 10.05 -31.07 24.47
C LYS A 241 9.42 -31.52 23.13
N TRP A 242 10.05 -31.17 22.00
CA TRP A 242 9.42 -31.25 20.68
C TRP A 242 10.26 -32.09 19.72
N SER A 243 9.57 -32.75 18.79
CA SER A 243 10.23 -33.66 17.83
C SER A 243 11.05 -32.90 16.78
N ALA A 244 11.97 -33.61 16.13
CA ALA A 244 12.70 -33.08 14.96
C ALA A 244 11.74 -32.57 13.86
N ALA A 245 10.64 -33.29 13.65
CA ALA A 245 9.65 -32.86 12.66
C ALA A 245 8.99 -31.49 13.03
N PHE A 246 8.72 -31.26 14.31
CA PHE A 246 8.14 -29.97 14.74
C PHE A 246 9.17 -28.84 14.61
N HIS A 247 10.40 -29.08 15.10
CA HIS A 247 11.50 -28.14 14.88
C HIS A 247 11.66 -27.78 13.39
N ASN A 248 11.64 -28.80 12.52
CA ASN A 248 11.77 -28.56 11.07
C ASN A 248 10.62 -27.77 10.47
N PHE A 249 9.39 -28.08 10.92
CA PHE A 249 8.20 -27.35 10.53
C PHE A 249 8.37 -25.86 10.81
N ILE A 250 8.85 -25.53 12.01
CA ILE A 250 9.15 -24.15 12.41
C ILE A 250 10.23 -23.54 11.51
N LYS A 251 11.34 -24.25 11.30
CA LYS A 251 12.43 -23.78 10.44
C LYS A 251 11.95 -23.37 9.06
N VAL A 252 11.14 -24.23 8.43
CA VAL A 252 10.72 -24.00 7.04
C VAL A 252 9.63 -22.94 6.95
N THR A 253 8.65 -22.98 7.84
CA THR A 253 7.59 -21.95 7.87
C THR A 253 8.14 -20.55 8.15
N LEU A 254 9.17 -20.47 9.00
CA LEU A 254 9.84 -19.20 9.33
C LEU A 254 11.11 -18.94 8.50
N THR A 255 11.03 -19.22 7.19
CA THR A 255 12.11 -18.93 6.24
C THR A 255 12.02 -17.43 6.02
N LYS A 256 13.12 -16.72 6.33
CA LYS A 256 13.18 -15.25 6.26
C LYS A 256 12.84 -14.76 4.85
N SER A 257 13.50 -15.34 3.85
CA SER A 257 13.32 -14.92 2.46
C SER A 257 12.02 -15.50 1.93
N PRO A 258 11.06 -14.64 1.49
CA PRO A 258 9.79 -15.18 0.96
C PRO A 258 9.90 -15.89 -0.38
N LYS A 259 10.92 -15.58 -1.18
CA LYS A 259 11.23 -16.39 -2.38
C LYS A 259 11.50 -17.89 -2.10
N LYS A 260 12.01 -18.20 -0.90
CA LYS A 260 12.33 -19.57 -0.46
C LYS A 260 11.34 -20.21 0.55
N ARG A 261 10.36 -19.47 1.04
CA ARG A 261 9.39 -20.00 2.03
C ARG A 261 8.39 -20.90 1.30
N PRO A 262 8.13 -22.13 1.83
CA PRO A 262 7.23 -23.04 1.09
C PRO A 262 5.78 -22.59 1.10
N SER A 263 5.08 -22.92 0.01
CA SER A 263 3.63 -22.66 -0.14
C SER A 263 2.80 -23.49 0.83
N ALA A 264 1.52 -23.13 1.00
CA ALA A 264 0.57 -23.95 1.80
C ALA A 264 0.52 -25.40 1.29
N THR A 265 0.40 -25.55 -0.03
CA THR A 265 0.38 -26.88 -0.69
C THR A 265 1.64 -27.71 -0.42
N LYS A 266 2.82 -27.11 -0.61
CA LYS A 266 4.08 -27.75 -0.25
C LYS A 266 4.12 -28.12 1.24
N MET A 267 3.65 -27.22 2.12
CA MET A 267 3.64 -27.49 3.56
C MET A 267 2.73 -28.63 3.98
N LEU A 268 1.64 -28.86 3.24
CA LEU A 268 0.77 -30.00 3.50
C LEU A 268 1.44 -31.36 3.29
N SER A 269 2.50 -31.41 2.48
CA SER A 269 3.36 -32.60 2.37
C SER A 269 4.38 -32.78 3.49
N HIS A 270 4.50 -31.82 4.41
CA HIS A 270 5.51 -31.87 5.46
C HIS A 270 5.18 -32.99 6.44
N GLN A 271 6.24 -33.64 6.96
CA GLN A 271 6.11 -34.78 7.88
C GLN A 271 5.18 -34.55 9.08
N LEU A 272 5.40 -33.44 9.77
CA LEU A 272 4.57 -33.01 10.90
C LEU A 272 3.06 -33.07 10.65
N VAL A 273 2.64 -32.52 9.52
CA VAL A 273 1.19 -32.41 9.17
C VAL A 273 0.63 -33.52 8.26
N SER A 274 1.51 -34.35 7.69
CA SER A 274 1.14 -35.57 6.96
C SER A 274 1.07 -36.83 7.85
N GLN A 275 1.27 -36.70 9.16
CA GLN A 275 1.15 -37.82 10.10
C GLN A 275 -0.24 -38.48 10.06
N PRO A 276 -0.31 -39.83 10.04
CA PRO A 276 -1.61 -40.54 9.93
C PRO A 276 -2.57 -40.36 11.12
N GLY A 277 -2.04 -40.11 12.31
CA GLY A 277 -2.85 -40.00 13.54
C GLY A 277 -3.41 -38.61 13.87
N LEU A 278 -3.58 -37.73 12.87
CA LEU A 278 -4.10 -36.40 13.04
C LEU A 278 -5.58 -36.41 12.66
N ASN A 279 -6.42 -36.13 13.66
CA ASN A 279 -7.87 -36.00 13.45
C ASN A 279 -8.45 -35.19 14.61
N ARG A 280 -9.74 -34.86 14.50
CA ARG A 280 -10.38 -33.96 15.46
C ARG A 280 -10.48 -34.53 16.86
N GLY A 281 -10.35 -35.85 17.00
CA GLY A 281 -10.21 -36.53 18.28
C GLY A 281 -9.20 -35.90 19.20
N LEU A 282 -8.09 -35.42 18.62
CA LEU A 282 -7.07 -34.67 19.39
C LEU A 282 -7.62 -33.39 20.03
N ILE A 283 -8.49 -32.70 19.30
CA ILE A 283 -9.13 -31.46 19.77
C ILE A 283 -10.31 -31.75 20.69
N LEU A 284 -11.05 -32.81 20.42
CA LEU A 284 -12.04 -33.31 21.37
C LEU A 284 -11.42 -33.59 22.75
N ASP A 285 -10.23 -34.20 22.78
N ASP A 285 -10.23 -34.20 22.78
CA ASP A 285 -9.46 -34.36 24.04
CA ASP A 285 -9.47 -34.35 24.02
C ASP A 285 -9.12 -33.01 24.71
C ASP A 285 -9.11 -33.01 24.71
N LEU A 286 -8.69 -32.02 23.92
CA LEU A 286 -8.42 -30.65 24.43
C LEU A 286 -9.70 -29.99 24.98
N LEU A 287 -10.83 -30.13 24.27
CA LEU A 287 -12.10 -29.61 24.79
C LEU A 287 -12.59 -30.32 26.05
N ASP A 288 -12.28 -31.62 26.19
CA ASP A 288 -12.57 -32.36 27.42
C ASP A 288 -11.76 -31.80 28.60
N LYS A 289 -10.49 -31.45 28.34
CA LYS A 289 -9.61 -30.84 29.35
C LYS A 289 -10.15 -29.50 29.82
N LEU A 290 -10.64 -28.72 28.85
CA LEU A 290 -11.33 -27.46 29.10
C LEU A 290 -12.57 -27.53 29.98
N LYS A 291 -13.31 -28.66 29.93
CA LYS A 291 -14.52 -28.86 30.75
C LYS A 291 -14.29 -29.07 32.27
N ASN A 292 -13.34 -29.92 32.62
CA ASN A 292 -13.00 -30.23 34.01
C ASN A 292 -11.47 -30.34 34.17
N PRO A 293 -10.76 -29.20 34.38
CA PRO A 293 -9.30 -29.26 34.62
C PRO A 293 -8.96 -29.45 36.11
N VAL B 2 -3.73 21.63 11.96
CA VAL B 2 -2.72 22.76 11.83
C VAL B 2 -1.76 22.49 10.64
N VAL B 3 -1.95 23.22 9.54
CA VAL B 3 -1.36 22.83 8.25
C VAL B 3 0.15 23.17 8.21
N ASP B 4 0.55 24.29 8.80
CA ASP B 4 1.96 24.72 8.83
C ASP B 4 2.18 25.75 9.93
N PRO B 5 3.26 25.63 10.74
CA PRO B 5 3.50 26.64 11.81
C PRO B 5 3.69 28.09 11.32
N ASP B 6 4.18 28.27 10.08
CA ASP B 6 4.39 29.61 9.47
C ASP B 6 3.24 30.11 8.57
N ILE B 7 2.10 29.41 8.57
CA ILE B 7 0.97 29.80 7.72
C ILE B 7 0.49 31.25 8.04
N PHE B 8 0.13 31.99 7.00
CA PHE B 8 -0.41 33.34 7.14
C PHE B 8 -1.92 33.21 7.27
N ASN B 9 -2.48 33.65 8.40
CA ASN B 9 -3.93 33.61 8.65
C ASN B 9 -4.51 34.91 8.14
N ARG B 10 -4.52 35.03 6.81
CA ARG B 10 -5.03 36.21 6.12
C ARG B 10 -5.35 35.89 4.69
N ASP B 11 -6.14 36.76 4.07
CA ASP B 11 -6.58 36.60 2.70
C ASP B 11 -5.38 36.91 1.82
N PRO B 12 -4.97 35.96 0.94
CA PRO B 12 -3.84 36.25 0.03
C PRO B 12 -4.09 37.40 -0.95
N ARG B 13 -5.37 37.69 -1.24
CA ARG B 13 -5.74 38.88 -2.00
C ARG B 13 -5.34 40.24 -1.38
N ASP B 14 -4.99 40.28 -0.09
CA ASP B 14 -4.31 41.44 0.53
C ASP B 14 -2.95 41.76 -0.11
N HIS B 15 -2.24 40.72 -0.55
CA HIS B 15 -0.93 40.83 -1.16
C HIS B 15 -0.89 40.58 -2.65
N TYR B 16 -1.87 39.84 -3.20
CA TYR B 16 -1.85 39.39 -4.59
C TYR B 16 -3.12 39.70 -5.33
N ASP B 17 -2.99 40.08 -6.58
CA ASP B 17 -4.10 40.22 -7.49
C ASP B 17 -4.19 38.92 -8.26
N LEU B 18 -5.33 38.23 -8.16
CA LEU B 18 -5.54 36.96 -8.87
C LEU B 18 -5.83 37.26 -10.31
N LEU B 19 -5.09 36.66 -11.25
CA LEU B 19 -5.16 37.05 -12.66
C LEU B 19 -5.93 36.06 -13.54
N GLN B 20 -5.55 34.79 -13.53
CA GLN B 20 -6.37 33.75 -14.14
C GLN B 20 -6.08 32.36 -13.60
N ARG B 21 -7.08 31.49 -13.69
CA ARG B 21 -6.95 30.07 -13.37
C ARG B 21 -6.11 29.41 -14.47
N LEU B 22 -5.03 28.77 -14.05
CA LEU B 22 -4.12 28.04 -14.96
C LEU B 22 -4.52 26.58 -15.13
N GLY B 23 -5.34 26.05 -14.23
CA GLY B 23 -5.78 24.66 -14.23
C GLY B 23 -5.40 24.03 -12.91
N GLY B 24 -5.27 22.70 -12.92
CA GLY B 24 -4.97 21.92 -11.71
C GLY B 24 -3.96 20.80 -11.91
N GLY B 25 -3.18 20.54 -10.87
CA GLY B 25 -2.30 19.42 -10.82
C GLY B 25 -3.01 18.20 -10.23
N THR B 26 -2.28 17.46 -9.39
CA THR B 26 -2.80 16.27 -8.68
C THR B 26 -4.05 16.62 -7.88
N TYR B 27 -3.99 17.73 -7.15
CA TYR B 27 -5.14 18.27 -6.42
C TYR B 27 -5.02 19.78 -6.34
N GLY B 28 -6.14 20.40 -6.03
CA GLY B 28 -6.28 21.83 -5.98
C GLY B 28 -6.30 22.49 -7.34
N GLU B 29 -6.27 23.82 -7.34
CA GLU B 29 -6.41 24.65 -8.52
C GLU B 29 -5.37 25.76 -8.40
N VAL B 30 -4.71 26.10 -9.50
CA VAL B 30 -3.62 27.08 -9.50
C VAL B 30 -4.04 28.33 -10.27
N PHE B 31 -3.74 29.49 -9.68
CA PHE B 31 -3.99 30.79 -10.25
C PHE B 31 -2.67 31.48 -10.51
N LYS B 32 -2.58 32.11 -11.69
CA LYS B 32 -1.59 33.14 -11.95
C LYS B 32 -1.98 34.35 -11.11
N ALA B 33 -0.99 34.96 -10.45
CA ALA B 33 -1.23 36.15 -9.62
C ALA B 33 -0.05 37.12 -9.61
N ARG B 34 -0.33 38.39 -9.28
CA ARG B 34 0.70 39.45 -9.27
C ARG B 34 0.80 40.04 -7.88
N ASP B 35 2.02 40.07 -7.34
CA ASP B 35 2.36 40.77 -6.10
C ASP B 35 2.01 42.26 -6.24
N LYS B 36 1.13 42.73 -5.36
CA LYS B 36 0.63 44.11 -5.38
C LYS B 36 1.70 45.19 -5.05
N VAL B 37 2.80 44.80 -4.41
CA VAL B 37 3.90 45.73 -4.07
C VAL B 37 4.94 45.70 -5.18
N SER B 38 5.53 44.54 -5.40
CA SER B 38 6.68 44.38 -6.32
C SER B 38 6.32 44.28 -7.81
N GLY B 39 5.09 43.86 -8.12
CA GLY B 39 4.67 43.51 -9.49
C GLY B 39 5.13 42.16 -10.01
N ASP B 40 5.78 41.37 -9.16
CA ASP B 40 6.26 40.04 -9.55
C ASP B 40 5.08 39.09 -9.67
N LEU B 41 5.14 38.23 -10.68
CA LEU B 41 4.17 37.17 -10.87
C LEU B 41 4.48 35.97 -9.97
N VAL B 42 3.41 35.36 -9.46
CA VAL B 42 3.51 34.12 -8.70
C VAL B 42 2.41 33.16 -9.14
N ALA B 43 2.57 31.91 -8.72
CA ALA B 43 1.51 30.89 -8.86
C ALA B 43 0.94 30.68 -7.47
N LEU B 44 -0.39 30.70 -7.36
CA LEU B 44 -1.09 30.45 -6.10
C LEU B 44 -1.94 29.21 -6.24
N LYS B 45 -1.58 28.15 -5.54
CA LYS B 45 -2.33 26.90 -5.56
C LYS B 45 -3.35 26.93 -4.43
N MET B 46 -4.61 26.77 -4.77
CA MET B 46 -5.70 26.85 -3.83
C MET B 46 -6.25 25.44 -3.59
N VAL B 47 -6.46 25.08 -2.33
CA VAL B 47 -7.03 23.77 -1.95
C VAL B 47 -8.10 23.99 -0.89
N LYS B 48 -9.29 23.46 -1.14
CA LYS B 48 -10.41 23.54 -0.19
C LYS B 48 -10.07 22.72 1.04
N MET B 49 -10.52 23.19 2.21
CA MET B 49 -10.37 22.49 3.47
C MET B 49 -11.72 22.40 4.19
N GLU B 50 -12.42 21.32 3.88
CA GLU B 50 -13.69 20.95 4.52
C GLU B 50 -13.47 20.55 5.99
N PRO B 51 -14.51 20.67 6.86
CA PRO B 51 -14.34 20.52 8.33
C PRO B 51 -13.67 19.23 8.85
N ASP B 52 -14.00 18.08 8.27
CA ASP B 52 -13.44 16.78 8.69
C ASP B 52 -12.34 16.27 7.74
N ASP B 53 -11.36 17.14 7.43
CA ASP B 53 -10.26 16.80 6.50
C ASP B 53 -8.98 16.50 7.25
N ASP B 54 -8.32 15.40 6.87
CA ASP B 54 -6.95 15.15 7.29
C ASP B 54 -6.05 16.18 6.59
N VAL B 55 -5.30 16.92 7.39
CA VAL B 55 -4.35 17.96 6.91
C VAL B 55 -2.95 17.41 6.50
N SER B 56 -2.65 16.13 6.80
CA SER B 56 -1.29 15.57 6.65
C SER B 56 -0.68 15.64 5.25
N THR B 57 -1.50 15.46 4.20
CA THR B 57 -1.03 15.62 2.82
C THR B 57 -0.55 17.05 2.53
N LEU B 58 -1.40 18.03 2.82
CA LEU B 58 -1.03 19.44 2.64
C LEU B 58 0.14 19.89 3.53
N GLN B 59 0.15 19.38 4.77
CA GLN B 59 1.30 19.53 5.68
C GLN B 59 2.61 19.11 5.03
N LYS B 60 2.58 17.91 4.45
CA LYS B 60 3.76 17.31 3.84
C LYS B 60 4.17 18.05 2.58
N GLU B 61 3.20 18.49 1.75
CA GLU B 61 3.53 19.26 0.54
C GLU B 61 4.24 20.58 0.86
N ILE B 62 3.70 21.32 1.83
CA ILE B 62 4.29 22.59 2.24
C ILE B 62 5.69 22.33 2.79
N LEU B 63 5.83 21.32 3.62
CA LEU B 63 7.14 20.95 4.20
C LEU B 63 8.22 20.65 3.14
N ILE B 64 7.83 19.89 2.11
CA ILE B 64 8.70 19.58 0.95
C ILE B 64 9.12 20.86 0.23
N LEU B 65 8.14 21.69 -0.14
CA LEU B 65 8.40 22.96 -0.86
C LEU B 65 9.25 23.95 -0.05
N LYS B 66 8.93 24.05 1.23
CA LYS B 66 9.53 25.02 2.14
C LYS B 66 11.01 24.76 2.40
N THR B 67 11.37 23.50 2.56
CA THR B 67 12.73 23.07 2.81
C THR B 67 13.57 22.82 1.52
N CYS B 68 13.00 22.98 0.31
CA CYS B 68 13.81 23.05 -0.92
C CYS B 68 14.28 24.47 -1.21
N ARG B 69 15.57 24.61 -1.51
CA ARG B 69 16.16 25.81 -2.05
C ARG B 69 17.15 25.41 -3.17
N HIS B 70 16.61 25.21 -4.36
CA HIS B 70 17.39 24.81 -5.53
C HIS B 70 16.69 25.37 -6.76
N ALA B 71 17.47 25.85 -7.73
CA ALA B 71 16.89 26.60 -8.89
C ALA B 71 15.92 25.76 -9.74
N ASN B 72 16.24 24.48 -9.90
CA ASN B 72 15.38 23.55 -10.62
C ASN B 72 14.10 23.02 -9.92
N ILE B 73 13.80 23.49 -8.70
CA ILE B 73 12.55 23.18 -8.00
C ILE B 73 11.82 24.49 -7.77
N VAL B 74 10.55 24.57 -8.18
CA VAL B 74 9.73 25.78 -8.02
C VAL B 74 9.89 26.36 -6.64
N ALA B 75 10.24 27.65 -6.59
CA ALA B 75 10.46 28.33 -5.30
C ALA B 75 9.16 28.43 -4.53
N TYR B 76 9.30 28.44 -3.21
CA TYR B 76 8.18 28.56 -2.27
C TYR B 76 8.23 29.94 -1.62
N HIS B 77 7.09 30.62 -1.55
CA HIS B 77 6.99 31.96 -0.93
C HIS B 77 6.12 32.05 0.32
N GLY B 78 5.43 30.97 0.70
CA GLY B 78 4.58 30.98 1.89
C GLY B 78 3.21 30.42 1.58
N SER B 79 2.41 30.28 2.62
N SER B 79 2.41 30.23 2.64
CA SER B 79 1.05 29.76 2.50
CA SER B 79 1.05 29.71 2.53
C SER B 79 0.06 30.56 3.34
C SER B 79 0.06 30.56 3.33
N TYR B 80 -1.20 30.54 2.89
CA TYR B 80 -2.29 31.30 3.50
C TYR B 80 -3.43 30.38 3.81
N LEU B 81 -4.15 30.64 4.92
CA LEU B 81 -5.41 29.95 5.23
C LEU B 81 -6.47 31.02 5.48
N TRP B 82 -7.54 30.99 4.68
CA TRP B 82 -8.58 32.01 4.72
C TRP B 82 -9.88 31.47 4.10
N LEU B 83 -10.96 31.55 4.88
CA LEU B 83 -12.30 31.04 4.54
C LEU B 83 -12.27 29.62 3.99
N GLN B 84 -11.61 28.73 4.74
CA GLN B 84 -11.52 27.30 4.45
C GLN B 84 -10.81 26.96 3.13
N LYS B 85 -9.90 27.83 2.69
CA LYS B 85 -9.09 27.62 1.50
C LYS B 85 -7.64 27.81 1.88
N LEU B 86 -6.82 26.79 1.60
CA LEU B 86 -5.38 26.85 1.74
C LEU B 86 -4.82 27.34 0.41
N TRP B 87 -3.92 28.32 0.47
CA TRP B 87 -3.26 28.88 -0.72
C TRP B 87 -1.78 28.65 -0.53
N ILE B 88 -1.12 27.98 -1.48
CA ILE B 88 0.31 27.76 -1.47
C ILE B 88 0.89 28.68 -2.54
N CYS B 89 1.78 29.58 -2.12
CA CYS B 89 2.37 30.58 -3.00
C CYS B 89 3.75 30.14 -3.50
N MET B 90 3.86 30.03 -4.83
CA MET B 90 5.08 29.51 -5.47
C MET B 90 5.52 30.36 -6.65
N GLU B 91 6.73 30.06 -7.13
CA GLU B 91 7.25 30.59 -8.39
C GLU B 91 6.28 30.30 -9.54
N PHE B 92 6.15 31.27 -10.44
CA PHE B 92 5.35 31.15 -11.66
C PHE B 92 6.26 30.85 -12.82
N CYS B 93 5.80 29.96 -13.71
CA CYS B 93 6.57 29.55 -14.89
C CYS B 93 5.73 29.83 -16.12
N GLY B 94 6.08 30.92 -16.81
CA GLY B 94 5.24 31.52 -17.84
C GLY B 94 4.94 30.77 -19.11
N ALA B 95 5.72 29.74 -19.43
CA ALA B 95 5.45 28.91 -20.63
C ALA B 95 4.69 27.60 -20.31
N GLY B 96 4.37 27.35 -19.03
CA GLY B 96 3.69 26.10 -18.64
C GLY B 96 4.56 24.86 -18.69
N SER B 97 3.93 23.70 -18.88
CA SER B 97 4.65 22.41 -18.82
C SER B 97 5.24 22.09 -20.19
N LEU B 98 6.22 21.20 -20.20
CA LEU B 98 6.68 20.65 -21.49
C LEU B 98 5.60 19.94 -22.29
N GLN B 99 4.62 19.34 -21.61
CA GLN B 99 3.46 18.74 -22.29
C GLN B 99 2.64 19.79 -23.04
N ASP B 100 2.29 20.87 -22.34
CA ASP B 100 1.61 22.03 -22.93
C ASP B 100 2.34 22.51 -24.18
N ILE B 101 3.67 22.56 -24.11
CA ILE B 101 4.51 23.04 -25.22
C ILE B 101 4.55 22.04 -26.37
N TYR B 102 4.90 20.78 -26.11
CA TYR B 102 5.05 19.77 -27.21
C TYR B 102 3.76 19.46 -27.94
N GLN B 103 2.63 19.59 -27.25
CA GLN B 103 1.31 19.48 -27.89
C GLN B 103 1.03 20.53 -28.97
N VAL B 104 1.74 21.65 -28.94
CA VAL B 104 1.75 22.65 -30.05
C VAL B 104 2.95 22.44 -30.99
N THR B 105 4.15 22.35 -30.44
CA THR B 105 5.40 22.40 -31.24
C THR B 105 5.76 21.10 -31.95
N GLY B 106 5.27 19.96 -31.43
CA GLY B 106 5.78 18.65 -31.84
C GLY B 106 7.01 18.30 -31.03
N SER B 107 7.66 17.22 -31.42
CA SER B 107 8.71 16.59 -30.62
C SER B 107 9.93 17.48 -30.42
N LEU B 108 10.56 17.34 -29.27
CA LEU B 108 11.77 18.12 -28.97
C LEU B 108 12.96 17.53 -29.73
N SER B 109 13.94 18.38 -30.00
CA SER B 109 15.24 17.94 -30.57
C SER B 109 16.01 17.17 -29.49
N GLU B 110 16.97 16.36 -29.91
CA GLU B 110 17.83 15.62 -28.96
C GLU B 110 18.53 16.57 -27.98
N LEU B 111 19.06 17.68 -28.49
CA LEU B 111 19.74 18.67 -27.63
C LEU B 111 18.81 19.31 -26.61
N GLN B 112 17.61 19.68 -27.05
CA GLN B 112 16.57 20.19 -26.15
C GLN B 112 16.23 19.18 -25.06
N ILE B 113 16.06 17.91 -25.44
CA ILE B 113 15.79 16.84 -24.47
C ILE B 113 16.98 16.67 -23.53
N SER B 114 18.20 16.74 -24.08
CA SER B 114 19.41 16.63 -23.27
C SER B 114 19.48 17.71 -22.19
N TYR B 115 19.19 18.95 -22.58
CA TYR B 115 19.11 20.08 -21.62
C TYR B 115 18.06 19.85 -20.54
N VAL B 116 16.86 19.43 -20.95
CA VAL B 116 15.77 19.18 -20.00
C VAL B 116 16.19 18.10 -19.00
N CYS B 117 16.75 17.00 -19.51
CA CYS B 117 17.16 15.90 -18.63
C CYS B 117 18.25 16.32 -17.66
N ARG B 118 19.20 17.12 -18.13
CA ARG B 118 20.24 17.67 -17.22
C ARG B 118 19.62 18.45 -16.05
N GLU B 119 18.70 19.34 -16.40
CA GLU B 119 18.08 20.25 -15.42
C GLU B 119 17.19 19.49 -14.43
N VAL B 120 16.43 18.53 -14.95
CA VAL B 120 15.66 17.62 -14.10
C VAL B 120 16.57 16.81 -13.18
N LEU B 121 17.65 16.25 -13.73
CA LEU B 121 18.61 15.48 -12.92
C LEU B 121 19.23 16.31 -11.81
N GLN B 122 19.51 17.58 -12.08
CA GLN B 122 20.00 18.48 -11.04
C GLN B 122 18.97 18.63 -9.93
N GLY B 123 17.70 18.82 -10.32
CA GLY B 123 16.60 18.88 -9.38
C GLY B 123 16.47 17.60 -8.58
N LEU B 124 16.52 16.46 -9.27
CA LEU B 124 16.39 15.15 -8.62
C LEU B 124 17.55 14.83 -7.69
N ALA B 125 18.77 15.14 -8.11
CA ALA B 125 19.97 14.96 -7.25
C ALA B 125 19.78 15.71 -5.94
N TYR B 126 19.29 16.93 -6.03
CA TYR B 126 19.03 17.75 -4.85
C TYR B 126 17.95 17.13 -3.95
N LEU B 127 16.80 16.82 -4.54
CA LEU B 127 15.69 16.19 -3.81
C LEU B 127 16.13 14.92 -3.12
N HIS B 128 16.82 14.07 -3.88
CA HIS B 128 17.28 12.79 -3.35
C HIS B 128 18.33 12.97 -2.24
N SER B 129 19.17 14.01 -2.34
CA SER B 129 20.09 14.40 -1.23
C SER B 129 19.38 14.76 0.08
N GLN B 130 18.14 15.24 -0.03
CA GLN B 130 17.30 15.51 1.15
C GLN B 130 16.39 14.34 1.58
N LYS B 131 16.60 13.15 1.03
CA LYS B 131 15.72 11.99 1.24
C LYS B 131 14.28 12.25 0.77
N LYS B 132 14.10 13.08 -0.27
CA LYS B 132 12.79 13.35 -0.91
C LYS B 132 12.74 12.59 -2.23
N ILE B 133 11.55 12.15 -2.61
CA ILE B 133 11.29 11.44 -3.86
C ILE B 133 10.12 12.20 -4.52
N HIS B 134 10.27 12.57 -5.78
CA HIS B 134 9.23 13.28 -6.51
C HIS B 134 8.03 12.34 -6.77
N ARG B 135 8.33 11.16 -7.33
CA ARG B 135 7.34 10.08 -7.63
C ARG B 135 6.33 10.34 -8.75
N ASP B 136 6.50 11.45 -9.48
CA ASP B 136 5.57 11.90 -10.53
C ASP B 136 6.25 12.71 -11.63
N ILE B 137 7.44 12.25 -12.00
CA ILE B 137 8.23 12.91 -13.03
C ILE B 137 7.59 12.52 -14.34
N LYS B 138 7.21 13.55 -15.10
CA LYS B 138 6.61 13.45 -16.41
C LYS B 138 6.60 14.85 -17.01
N GLY B 139 6.33 14.94 -18.31
CA GLY B 139 6.29 16.23 -19.04
C GLY B 139 5.38 17.29 -18.45
N ALA B 140 4.22 16.85 -17.94
CA ALA B 140 3.21 17.74 -17.32
C ALA B 140 3.73 18.43 -16.04
N ASN B 141 4.71 17.83 -15.36
CA ASN B 141 5.26 18.36 -14.11
C ASN B 141 6.63 19.01 -14.24
N ILE B 142 7.11 19.19 -15.47
CA ILE B 142 8.36 19.89 -15.75
C ILE B 142 7.93 21.20 -16.39
N LEU B 143 8.07 22.28 -15.64
CA LEU B 143 7.63 23.61 -16.08
C LEU B 143 8.76 24.41 -16.70
N ILE B 144 8.39 25.27 -17.63
CA ILE B 144 9.29 26.15 -18.36
C ILE B 144 8.89 27.59 -18.09
N ASN B 145 9.84 28.45 -17.70
CA ASN B 145 9.58 29.90 -17.60
C ASN B 145 9.92 30.61 -18.91
N ASP B 146 9.65 31.92 -18.97
CA ASP B 146 9.90 32.73 -20.18
C ASP B 146 11.38 32.86 -20.56
N ALA B 147 12.28 32.60 -19.61
CA ALA B 147 13.73 32.51 -19.85
C ALA B 147 14.23 31.15 -20.40
N GLY B 148 13.35 30.18 -20.61
CA GLY B 148 13.73 28.85 -21.04
C GLY B 148 14.27 27.98 -19.92
N GLU B 149 14.09 28.38 -18.66
CA GLU B 149 14.58 27.63 -17.51
C GLU B 149 13.57 26.59 -17.07
N VAL B 150 14.07 25.56 -16.39
CA VAL B 150 13.33 24.31 -16.14
C VAL B 150 13.14 24.17 -14.65
N ARG B 151 11.88 23.92 -14.24
CA ARG B 151 11.55 23.67 -12.85
C ARG B 151 10.63 22.46 -12.65
N LEU B 152 10.96 21.63 -11.66
CA LEU B 152 10.06 20.58 -11.19
C LEU B 152 8.96 21.15 -10.34
N ALA B 153 7.74 20.67 -10.60
CA ALA B 153 6.55 21.12 -9.91
C ALA B 153 5.65 19.92 -9.54
N ASP B 154 4.61 20.25 -8.81
CA ASP B 154 3.57 19.33 -8.35
C ASP B 154 4.14 18.20 -7.53
N PHE B 155 4.35 18.51 -6.26
CA PHE B 155 4.73 17.52 -5.27
C PHE B 155 3.52 16.85 -4.62
N GLY B 156 2.38 16.80 -5.32
CA GLY B 156 1.13 16.31 -4.74
C GLY B 156 1.23 14.81 -4.46
N ILE B 157 1.73 14.06 -5.44
CA ILE B 157 1.94 12.63 -5.30
C ILE B 157 2.93 12.36 -4.17
N SER B 158 4.07 13.06 -4.20
CA SER B 158 5.07 12.97 -3.13
C SER B 158 4.46 13.18 -1.74
N ALA B 159 3.65 14.23 -1.62
CA ALA B 159 2.99 14.54 -0.37
C ALA B 159 2.00 13.46 0.10
N GLN B 160 1.18 12.96 -0.82
CA GLN B 160 0.23 11.86 -0.52
C GLN B 160 0.94 10.59 -0.02
N ILE B 161 1.98 10.20 -0.74
CA ILE B 161 2.81 9.05 -0.35
C ILE B 161 3.39 9.20 1.04
N GLY B 162 3.98 10.37 1.32
CA GLY B 162 4.57 10.63 2.65
C GLY B 162 3.55 10.64 3.79
N ALA B 163 2.35 11.17 3.50
CA ALA B 163 1.24 11.11 4.44
C ALA B 163 0.78 9.65 4.70
N GLU B 164 0.66 8.86 3.62
CA GLU B 164 0.31 7.43 3.71
C GLU B 164 1.31 6.63 4.54
N LEU B 165 2.61 6.82 4.28
CA LEU B 165 3.68 6.16 5.04
C LEU B 165 3.57 6.43 6.53
N ALA B 166 3.39 7.70 6.90
CA ALA B 166 3.24 8.05 8.34
C ALA B 166 2.00 7.40 8.97
N ARG B 167 0.91 7.33 8.21
CA ARG B 167 -0.34 6.68 8.63
C ARG B 167 -0.16 5.16 8.82
N ARG B 168 0.47 4.51 7.84
CA ARG B 168 0.87 3.09 7.92
C ARG B 168 1.72 2.76 9.16
N LEU B 169 2.69 3.63 9.44
CA LEU B 169 3.53 3.51 10.65
C LEU B 169 2.73 3.72 11.95
N GLU B 170 1.85 4.73 11.98
CA GLU B 170 0.94 4.99 13.13
C GLU B 170 0.06 3.78 13.46
N PHE B 171 -0.56 3.20 12.43
CA PHE B 171 -1.58 2.17 12.56
C PHE B 171 -1.04 0.79 12.11
N ILE B 172 0.27 0.54 12.27
CA ILE B 172 0.87 -0.79 11.92
C ILE B 172 0.31 -1.94 12.77
N GLY B 173 -0.07 -1.67 14.02
CA GLY B 173 -0.67 -2.67 14.88
C GLY B 173 0.39 -3.61 15.46
N THR B 174 -0.08 -4.73 16.00
CA THR B 174 0.79 -5.70 16.68
C THR B 174 1.67 -6.50 15.66
N PRO B 175 3.00 -6.54 15.88
CA PRO B 175 3.90 -7.14 14.89
C PRO B 175 4.33 -8.59 15.11
N TYR B 176 3.90 -9.24 16.19
CA TYR B 176 4.51 -10.49 16.63
C TYR B 176 4.30 -11.67 15.67
N TRP B 177 3.18 -11.67 14.93
CA TRP B 177 2.84 -12.67 13.94
C TRP B 177 3.15 -12.26 12.50
N MET B 178 3.62 -11.04 12.29
CA MET B 178 3.87 -10.50 10.96
C MET B 178 5.16 -11.06 10.35
N ALA B 179 5.12 -11.45 9.07
CA ALA B 179 6.31 -11.80 8.32
C ALA B 179 7.23 -10.58 8.13
N PRO B 180 8.58 -10.78 8.14
CA PRO B 180 9.53 -9.64 7.99
C PRO B 180 9.30 -8.76 6.76
N GLU B 181 9.02 -9.36 5.62
CA GLU B 181 8.67 -8.60 4.41
C GLU B 181 7.43 -7.72 4.55
N VAL B 182 6.47 -8.13 5.39
CA VAL B 182 5.30 -7.29 5.70
C VAL B 182 5.73 -6.12 6.58
N ALA B 183 6.53 -6.38 7.61
CA ALA B 183 7.11 -5.31 8.46
C ALA B 183 7.97 -4.32 7.68
N ALA B 184 8.82 -4.87 6.83
CA ALA B 184 9.76 -4.09 6.00
C ALA B 184 9.08 -3.06 5.12
N VAL B 185 8.00 -3.48 4.44
CA VAL B 185 7.25 -2.57 3.54
C VAL B 185 6.42 -1.53 4.34
N ALA B 186 5.93 -1.89 5.55
CA ALA B 186 5.30 -0.90 6.44
C ALA B 186 6.26 0.23 6.84
N LEU B 187 7.45 -0.14 7.29
CA LEU B 187 8.53 0.79 7.69
C LEU B 187 9.13 1.60 6.52
N LYS B 188 9.49 0.92 5.43
CA LYS B 188 10.31 1.48 4.34
C LYS B 188 9.60 1.79 3.02
N GLY B 189 8.39 1.27 2.83
CA GLY B 189 7.59 1.55 1.63
C GLY B 189 7.83 0.69 0.40
N GLY B 190 8.89 -0.12 0.37
CA GLY B 190 9.09 -1.09 -0.71
C GLY B 190 9.65 -0.60 -2.03
N TYR B 191 10.04 0.67 -2.12
CA TYR B 191 10.89 1.16 -3.22
C TYR B 191 11.70 2.38 -2.77
N ASN B 192 12.57 2.91 -3.64
CA ASN B 192 13.40 4.06 -3.26
C ASN B 192 13.41 5.13 -4.34
N GLU B 193 14.19 6.19 -4.08
CA GLU B 193 14.33 7.33 -5.00
C GLU B 193 14.70 7.05 -6.44
N LEU B 194 15.33 5.90 -6.71
CA LEU B 194 15.68 5.52 -8.09
C LEU B 194 14.49 5.35 -9.02
N CYS B 195 13.27 5.19 -8.47
CA CYS B 195 12.05 5.26 -9.28
C CYS B 195 11.95 6.52 -10.15
N ASP B 196 12.41 7.68 -9.63
CA ASP B 196 12.50 8.96 -10.40
C ASP B 196 13.41 8.94 -11.62
N ILE B 197 14.47 8.14 -11.57
CA ILE B 197 15.41 8.01 -12.69
C ILE B 197 14.72 7.26 -13.82
N TRP B 198 14.00 6.17 -13.51
CA TRP B 198 13.19 5.47 -14.52
C TRP B 198 12.18 6.44 -15.14
N SER B 199 11.46 7.17 -14.31
CA SER B 199 10.46 8.12 -14.80
C SER B 199 11.03 9.18 -15.74
N LEU B 200 12.22 9.67 -15.44
CA LEU B 200 12.93 10.58 -16.35
C LEU B 200 13.24 9.93 -17.71
N GLY B 201 13.69 8.68 -17.70
CA GLY B 201 13.90 7.94 -18.93
C GLY B 201 12.65 7.85 -19.79
N ILE B 202 11.52 7.55 -19.14
CA ILE B 202 10.21 7.53 -19.81
C ILE B 202 9.87 8.91 -20.36
N THR B 203 10.11 9.96 -19.56
CA THR B 203 9.87 11.34 -19.97
C THR B 203 10.71 11.69 -21.19
N ALA B 204 11.97 11.27 -21.22
CA ALA B 204 12.82 11.49 -22.39
C ALA B 204 12.21 10.91 -23.68
N ILE B 205 11.62 9.72 -23.58
CA ILE B 205 10.86 9.13 -24.69
C ILE B 205 9.60 9.95 -25.01
N GLU B 206 8.88 10.39 -23.99
CA GLU B 206 7.68 11.26 -24.14
C GLU B 206 7.98 12.53 -24.93
N LEU B 207 9.08 13.20 -24.58
CA LEU B 207 9.51 14.44 -25.23
C LEU B 207 9.94 14.18 -26.68
N ALA B 208 10.56 13.02 -26.90
CA ALA B 208 10.95 12.58 -28.25
C ALA B 208 9.79 12.17 -29.15
N GLU B 209 8.79 11.51 -28.58
CA GLU B 209 7.71 10.87 -29.37
C GLU B 209 6.29 11.36 -29.10
N LEU B 210 6.12 12.34 -28.20
CA LEU B 210 4.83 12.96 -27.81
C LEU B 210 3.93 12.11 -26.90
N GLN B 211 4.35 10.90 -26.54
CA GLN B 211 3.62 9.99 -25.66
C GLN B 211 4.61 9.09 -24.91
N PRO B 212 4.28 8.68 -23.68
CA PRO B 212 5.10 7.63 -23.04
C PRO B 212 4.86 6.27 -23.74
N PRO B 213 5.78 5.29 -23.56
CA PRO B 213 5.50 3.92 -24.06
C PRO B 213 4.24 3.32 -23.45
N LEU B 214 3.52 2.54 -24.25
CA LEU B 214 2.26 1.92 -23.83
C LEU B 214 1.13 2.89 -23.45
N PHE B 215 1.17 4.15 -23.94
CA PHE B 215 0.13 5.17 -23.67
C PHE B 215 -1.26 4.74 -24.13
N ASP B 216 -1.31 3.98 -25.23
CA ASP B 216 -2.56 3.41 -25.79
C ASP B 216 -3.12 2.16 -25.05
N VAL B 217 -2.36 1.60 -24.10
CA VAL B 217 -2.75 0.40 -23.33
C VAL B 217 -3.40 0.85 -22.01
N HIS B 218 -4.47 0.15 -21.59
CA HIS B 218 -5.25 0.45 -20.33
C HIS B 218 -4.34 0.55 -19.11
N PRO B 219 -4.53 1.57 -18.21
CA PRO B 219 -3.48 1.79 -17.18
C PRO B 219 -3.27 0.64 -16.19
N LEU B 220 -4.36 0.01 -15.75
CA LEU B 220 -4.32 -1.26 -14.99
C LEU B 220 -3.58 -2.40 -15.73
N ARG B 221 -3.81 -2.50 -17.03
CA ARG B 221 -3.13 -3.49 -17.90
C ARG B 221 -1.61 -3.19 -18.04
N VAL B 222 -1.23 -1.92 -18.10
CA VAL B 222 0.19 -1.51 -18.08
C VAL B 222 0.85 -1.95 -16.78
N LEU B 223 0.19 -1.72 -15.64
CA LEU B 223 0.68 -2.20 -14.33
C LEU B 223 0.90 -3.72 -14.30
N PHE B 224 -0.04 -4.47 -14.87
CA PHE B 224 0.12 -5.94 -14.98
C PHE B 224 1.33 -6.31 -15.86
N LEU B 225 1.45 -5.68 -17.03
CA LEU B 225 2.54 -5.98 -17.98
C LEU B 225 3.95 -5.66 -17.45
N MET B 226 4.06 -4.54 -16.73
CA MET B 226 5.30 -4.15 -16.02
C MET B 226 5.78 -5.12 -14.96
N THR B 227 4.82 -5.73 -14.24
CA THR B 227 5.12 -6.77 -13.26
C THR B 227 5.29 -8.16 -13.87
N LYS B 228 4.63 -8.47 -14.99
CA LYS B 228 4.70 -9.80 -15.61
C LYS B 228 6.09 -10.16 -16.13
N SER B 229 6.45 -11.44 -15.98
CA SER B 229 7.47 -12.13 -16.78
C SER B 229 8.88 -11.56 -16.61
N GLY B 230 9.79 -11.84 -17.56
CA GLY B 230 10.91 -10.96 -17.85
C GLY B 230 10.43 -9.79 -18.70
N TYR B 231 9.87 -8.79 -18.03
CA TYR B 231 9.40 -7.53 -18.62
C TYR B 231 10.59 -6.82 -19.24
N GLN B 232 10.46 -6.46 -20.51
CA GLN B 232 11.50 -5.76 -21.26
C GLN B 232 11.27 -4.24 -21.14
N PRO B 233 12.27 -3.47 -20.64
CA PRO B 233 12.18 -2.01 -20.65
C PRO B 233 11.95 -1.44 -22.05
N PRO B 234 11.13 -0.37 -22.17
CA PRO B 234 10.90 0.20 -23.50
C PRO B 234 12.13 0.91 -24.08
N ARG B 235 12.02 1.25 -25.37
CA ARG B 235 13.08 1.90 -26.16
C ARG B 235 12.44 2.93 -27.06
N LEU B 236 13.30 3.87 -27.51
CA LEU B 236 12.97 4.81 -28.58
C LEU B 236 12.62 4.06 -29.87
N LYS B 237 11.59 4.54 -30.58
CA LYS B 237 11.01 3.87 -31.75
C LYS B 237 11.93 3.92 -32.97
N GLU B 238 12.35 5.12 -33.34
CA GLU B 238 13.15 5.35 -34.55
C GLU B 238 14.63 5.31 -34.19
N LYS B 239 15.33 4.23 -34.52
CA LYS B 239 16.77 4.08 -34.17
C LYS B 239 17.66 5.16 -34.79
N GLY B 240 17.49 5.41 -36.09
CA GLY B 240 18.33 6.34 -36.85
C GLY B 240 18.22 7.82 -36.54
N LYS B 241 17.11 8.22 -35.91
CA LYS B 241 16.89 9.63 -35.55
C LYS B 241 17.72 10.10 -34.34
N TRP B 242 18.20 9.18 -33.49
CA TRP B 242 18.80 9.51 -32.19
C TRP B 242 20.22 8.94 -32.06
N SER B 243 21.07 9.64 -31.32
CA SER B 243 22.49 9.27 -31.18
C SER B 243 22.67 8.05 -30.29
N ALA B 244 23.82 7.40 -30.41
CA ALA B 244 24.23 6.31 -29.50
C ALA B 244 24.16 6.74 -28.02
N ALA B 245 24.58 7.97 -27.73
CA ALA B 245 24.51 8.50 -26.36
C ALA B 245 23.06 8.61 -25.85
N PHE B 246 22.12 9.03 -26.70
CA PHE B 246 20.71 9.13 -26.32
C PHE B 246 20.10 7.76 -26.08
N HIS B 247 20.31 6.83 -27.03
CA HIS B 247 19.90 5.44 -26.83
C HIS B 247 20.47 4.87 -25.52
N ASN B 248 21.77 5.12 -25.24
CA ASN B 248 22.42 4.63 -24.01
C ASN B 248 21.81 5.24 -22.75
N PHE B 249 21.52 6.54 -22.79
CA PHE B 249 20.85 7.25 -21.70
C PHE B 249 19.53 6.55 -21.35
N ILE B 250 18.74 6.24 -22.38
CA ILE B 250 17.48 5.51 -22.20
C ILE B 250 17.72 4.10 -21.62
N LYS B 251 18.67 3.35 -22.17
CA LYS B 251 19.01 1.99 -21.66
C LYS B 251 19.31 2.01 -20.17
N VAL B 252 20.15 2.94 -19.76
CA VAL B 252 20.70 2.97 -18.42
C VAL B 252 19.66 3.50 -17.40
N THR B 253 18.94 4.57 -17.77
CA THR B 253 17.84 5.10 -16.92
C THR B 253 16.72 4.07 -16.76
N LEU B 254 16.46 3.29 -17.81
CA LEU B 254 15.43 2.23 -17.75
C LEU B 254 16.03 0.84 -17.43
N THR B 255 16.95 0.78 -16.45
CA THR B 255 17.47 -0.48 -15.89
C THR B 255 16.33 -1.02 -15.04
N LYS B 256 15.86 -2.23 -15.36
CA LYS B 256 14.73 -2.89 -14.67
C LYS B 256 14.97 -2.97 -13.17
N SER B 257 16.14 -3.48 -12.80
CA SER B 257 16.48 -3.70 -11.41
C SER B 257 16.90 -2.37 -10.79
N PRO B 258 16.21 -1.90 -9.73
CA PRO B 258 16.66 -0.68 -9.03
C PRO B 258 18.00 -0.82 -8.28
N LYS B 259 18.38 -2.04 -7.89
CA LYS B 259 19.73 -2.30 -7.37
C LYS B 259 20.87 -1.90 -8.34
N LYS B 260 20.61 -1.96 -9.65
CA LYS B 260 21.59 -1.63 -10.72
C LYS B 260 21.35 -0.30 -11.45
N ARG B 261 20.26 0.40 -11.12
CA ARG B 261 19.89 1.61 -11.82
C ARG B 261 20.75 2.77 -11.25
N PRO B 262 21.35 3.60 -12.12
CA PRO B 262 22.22 4.67 -11.60
C PRO B 262 21.46 5.79 -10.90
N SER B 263 22.11 6.39 -9.90
CA SER B 263 21.59 7.56 -9.19
C SER B 263 21.51 8.80 -10.09
N ALA B 264 20.77 9.81 -9.64
CA ALA B 264 20.75 11.12 -10.30
C ALA B 264 22.15 11.70 -10.48
N THR B 265 22.96 11.66 -9.42
CA THR B 265 24.35 12.15 -9.44
C THR B 265 25.22 11.43 -10.47
N LYS B 266 25.18 10.10 -10.48
CA LYS B 266 25.88 9.31 -11.51
C LYS B 266 25.37 9.67 -12.91
N MET B 267 24.06 9.82 -13.09
CA MET B 267 23.48 10.24 -14.37
C MET B 267 23.94 11.62 -14.87
N LEU B 268 24.23 12.54 -13.96
CA LEU B 268 24.78 13.85 -14.35
C LEU B 268 26.15 13.77 -15.00
N SER B 269 26.90 12.70 -14.75
CA SER B 269 28.16 12.41 -15.49
C SER B 269 27.96 11.79 -16.88
N HIS B 270 26.72 11.44 -17.25
CA HIS B 270 26.46 10.77 -18.51
C HIS B 270 26.71 11.71 -19.69
N GLN B 271 27.22 11.16 -20.77
CA GLN B 271 27.62 11.89 -21.98
C GLN B 271 26.54 12.80 -22.56
N LEU B 272 25.32 12.26 -22.72
CA LEU B 272 24.15 13.04 -23.17
C LEU B 272 23.93 14.35 -22.42
N VAL B 273 24.02 14.32 -21.10
CA VAL B 273 23.70 15.47 -20.24
C VAL B 273 24.90 16.30 -19.78
N SER B 274 26.11 15.76 -19.83
CA SER B 274 27.34 16.48 -19.49
C SER B 274 28.01 17.21 -20.67
N GLN B 275 27.44 17.07 -21.88
CA GLN B 275 28.03 17.64 -23.09
C GLN B 275 27.97 19.18 -23.04
N PRO B 276 28.96 19.87 -23.69
CA PRO B 276 28.86 21.33 -23.83
C PRO B 276 27.70 21.78 -24.74
N GLY B 277 27.32 23.05 -24.64
CA GLY B 277 26.26 23.63 -25.47
C GLY B 277 24.82 23.40 -25.05
N LEU B 278 24.59 22.87 -23.85
CA LEU B 278 23.25 22.71 -23.28
C LEU B 278 22.97 23.93 -22.39
N ASN B 279 22.01 24.73 -22.81
CA ASN B 279 21.61 25.92 -22.08
C ASN B 279 20.18 26.30 -22.48
N ARG B 280 19.62 27.23 -21.74
CA ARG B 280 18.23 27.67 -21.91
C ARG B 280 17.85 28.21 -23.26
N GLY B 281 18.86 28.70 -24.00
CA GLY B 281 18.72 29.04 -25.41
C GLY B 281 18.01 28.00 -26.25
N LEU B 282 18.27 26.73 -25.97
CA LEU B 282 17.65 25.60 -26.70
C LEU B 282 16.12 25.60 -26.51
N ILE B 283 15.67 25.94 -25.30
CA ILE B 283 14.25 26.05 -24.98
C ILE B 283 13.65 27.38 -25.45
N LEU B 284 14.43 28.46 -25.42
CA LEU B 284 14.02 29.69 -26.13
C LEU B 284 13.71 29.43 -27.61
N ASP B 285 14.51 28.60 -28.30
CA ASP B 285 14.18 28.16 -29.67
C ASP B 285 12.87 27.39 -29.76
N LEU B 286 12.64 26.48 -28.81
CA LEU B 286 11.35 25.78 -28.70
C LEU B 286 10.17 26.72 -28.45
N LEU B 287 10.33 27.69 -27.54
CA LEU B 287 9.28 28.68 -27.28
C LEU B 287 9.01 29.63 -28.46
N ASP B 288 10.03 29.88 -29.29
CA ASP B 288 9.83 30.62 -30.53
C ASP B 288 8.90 29.89 -31.51
N LYS B 289 8.98 28.55 -31.57
CA LYS B 289 8.01 27.74 -32.38
C LYS B 289 6.50 27.99 -32.08
N LEU B 290 6.18 28.29 -30.82
CA LEU B 290 4.81 28.69 -30.40
C LEU B 290 4.21 29.91 -31.12
N LYS B 291 5.05 30.88 -31.48
CA LYS B 291 4.64 32.06 -32.26
C LYS B 291 4.81 31.80 -33.74
N ASN B 292 6.00 31.33 -34.14
CA ASN B 292 6.33 30.97 -35.54
C ASN B 292 6.27 29.46 -35.77
C2 YK1 C . -17.18 -17.56 17.71
C4 YK1 C . -16.63 -15.86 16.14
C5 YK1 C . -17.30 -16.60 15.13
C6 YK1 C . -17.86 -17.85 15.53
C7 YK1 C . -17.37 -16.14 13.73
N10 YK1 C . -16.01 -14.62 15.91
C11 YK1 C . -15.40 -13.82 16.90
C12 YK1 C . -14.08 -13.33 16.75
C15 YK1 C . -15.57 -12.62 19.01
C16 YK1 C . -16.13 -13.42 18.03
C18 YK1 C . -13.26 -13.71 15.54
N22 YK1 C . -17.16 -18.08 18.99
C23 YK1 C . -16.60 -17.52 20.16
C24 YK1 C . -15.61 -16.51 20.17
C27 YK1 C . -16.45 -17.61 22.58
O29 YK1 C . -17.95 -19.10 21.34
C30 YK1 C . -18.44 -19.74 22.53
C31 YK1 C . -14.95 -16.14 23.90
C32 YK1 C . -14.03 -14.92 23.80
C34 YK1 C . -14.05 -14.94 21.31
C35 YK1 C . -12.38 -13.66 22.51
N1 YK1 C . -17.80 -18.27 16.78
N3 YK1 C . -16.62 -16.40 17.37
O8 YK1 C . -16.68 -15.16 13.42
N9 YK1 C . -18.12 -16.71 12.76
C13 YK1 C . -13.54 -12.50 17.74
C14 YK1 C . -14.27 -12.16 18.87
F17 YK1 C . -17.37 -13.89 18.21
F19 YK1 C . -13.91 -13.38 14.35
F20 YK1 C . -11.94 -13.22 15.61
F21 YK1 C . -13.15 -15.08 15.57
C25 YK1 C . -15.08 -16.05 21.38
C26 YK1 C . -15.50 -16.59 22.57
C28 YK1 C . -17.01 -18.09 21.38
N33 YK1 C . -13.25 -14.87 22.54
C2 YK1 D . 2.71 27.28 -13.77
C4 YK1 D . 2.26 25.79 -11.99
C5 YK1 D . 3.30 26.41 -11.20
C6 YK1 D . 3.98 27.48 -11.85
C7 YK1 D . 3.63 25.93 -9.83
N10 YK1 D . 1.48 24.74 -11.52
C11 YK1 D . 0.46 24.09 -12.24
C12 YK1 D . 0.45 22.69 -12.40
C15 YK1 D . -1.69 24.22 -13.41
C16 YK1 D . -0.64 24.83 -12.73
C18 YK1 D . 1.61 21.85 -11.89
N22 YK1 D . 2.45 27.76 -15.05
C23 YK1 D . 1.49 27.25 -15.97
C24 YK1 D . 0.95 25.95 -15.97
C27 YK1 D . 0.17 27.66 -17.99
O29 YK1 D . 1.65 29.38 -17.03
C30 YK1 D . 1.36 30.37 -18.02
C31 YK1 D . -1.34 25.97 -19.02
C32 YK1 D . -2.01 24.61 -18.74
C34 YK1 D . -0.52 24.12 -16.83
C35 YK1 D . -1.82 22.37 -17.86
N1 YK1 D . 3.68 27.87 -13.08
N3 YK1 D . 2.05 26.27 -13.22
O8 YK1 D . 3.05 24.93 -9.40
N9 YK1 D . 4.54 26.51 -9.01
C13 YK1 D . -0.62 22.09 -13.10
C14 YK1 D . -1.67 22.85 -13.59
F17 YK1 D . -0.67 26.15 -12.60
F19 YK1 D . 1.84 22.10 -10.54
F20 YK1 D . 1.41 20.49 -12.13
F21 YK1 D . 2.75 22.26 -12.53
C25 YK1 D . 0.03 25.52 -16.93
C26 YK1 D . -0.35 26.38 -17.95
C28 YK1 D . 1.10 28.13 -17.02
N33 YK1 D . -1.10 23.63 -18.10
#